data_5KVM
#
_entry.id   5KVM
#
_cell.length_a   120.336
_cell.length_b   120.336
_cell.length_c   72.850
_cell.angle_alpha   90.00
_cell.angle_beta   90.00
_cell.angle_gamma   120.00
#
_symmetry.space_group_name_H-M   'P 65'
#
loop_
_entity.id
_entity.type
_entity.pdbx_description
1 polymer 'Adhesion G-protein coupled receptor G1'
2 polymer 'Adhesion G-protein coupled receptor G1'
3 polymer 'FN3 monobody alpha5'
4 branched beta-D-mannopyranose-(1-6)-beta-D-mannopyranose-(1-4)-2-acetamido-2-deoxy-beta-D-glucopyranose-(1-4)-2-acetamido-2-deoxy-beta-D-glucopyranose
5 branched 2-acetamido-2-deoxy-beta-D-glucopyranose-(1-4)-2-acetamido-2-deoxy-beta-D-glucopyranose
6 non-polymer 2-acetamido-2-deoxy-beta-D-glucopyranose
7 non-polymer GLYCEROL
8 water water
#
loop_
_entity_poly.entity_id
_entity_poly.type
_entity_poly.pdbx_seq_one_letter_code
_entity_poly.pdbx_strand_id
1 'polypeptide(L)'
;PREDFRFCGQRNQTQQSTLHYDQSSEPHIFVWNTEETLTIRAPFLAAPDIPRFFPEPRGLYHFCLYWSRHTGRLHLRYGK
HDYLLSSQASRLLCFQKQEQSLKQGAPLIATSVSSWQIPQNTSLPGAPSFIFSFHNAPHKVSHNASVDMCDLKKELQQLS
RYLQHPQKAAKRPTAAFISQQLQSLESKLTSVSFLGDTLSFEEDRVNATVWKLPPTAGLEDLHIHSQKEEEQSEVQAYSL
LLPRAVFQQTRGRRRDDAKRLLVVDFSSQALFQDKNSSQVLGEKVLGIVVQNTKVTNLSDPVVLTFQHQPQPKNVTLQCV
FWVEDPASSSTGSWSSAGCETVSRDTQTSCLCNHL
;
A
2 'polypeptide(L)' TYFAVLMVS B
3 'polypeptide(L)'
;SVPTKLEVVAATPTSLLISWDAPAVTVDHYVITYGETGGSPWSWQEFEVPGSKSTATISGLKPGVDYTITVYASSFDWTI
FPNYYSSPISINYRT
;
C
#
# COMPACT_ATOMS: atom_id res chain seq x y z
N PRO A 1 8.89 -11.18 8.32
CA PRO A 1 8.50 -11.49 9.70
C PRO A 1 8.85 -10.39 10.69
N ARG A 2 10.09 -10.41 11.18
CA ARG A 2 10.46 -9.53 12.28
C ARG A 2 10.86 -8.15 11.80
N GLU A 3 11.35 -8.02 10.58
CA GLU A 3 11.76 -6.73 10.04
C GLU A 3 11.28 -6.60 8.61
N ASP A 4 11.36 -5.37 8.09
CA ASP A 4 11.04 -5.11 6.69
C ASP A 4 12.17 -5.58 5.78
N PHE A 5 13.43 -5.40 6.19
CA PHE A 5 14.56 -5.67 5.31
C PHE A 5 15.72 -6.18 6.15
N ARG A 6 16.32 -7.30 5.72
CA ARG A 6 17.48 -7.88 6.39
C ARG A 6 18.49 -8.29 5.33
N PHE A 7 19.67 -7.67 5.35
CA PHE A 7 20.76 -7.99 4.44
C PHE A 7 21.98 -8.36 5.28
N CYS A 8 22.43 -9.61 5.14
CA CYS A 8 23.47 -10.16 5.99
C CYS A 8 24.62 -10.70 5.15
N GLY A 9 25.75 -10.92 5.82
CA GLY A 9 26.93 -11.45 5.17
C GLY A 9 28.11 -11.40 6.10
N GLN A 10 29.30 -11.56 5.53
CA GLN A 10 30.54 -11.44 6.27
C GLN A 10 31.45 -10.44 5.59
N ARG A 11 32.27 -9.75 6.40
CA ARG A 11 33.24 -8.79 5.90
C ARG A 11 34.63 -9.19 6.36
N ASN A 12 35.55 -9.28 5.41
CA ASN A 12 36.95 -9.58 5.68
C ASN A 12 37.67 -8.25 5.95
N GLN A 13 38.09 -8.05 7.19
CA GLN A 13 38.82 -6.84 7.58
C GLN A 13 40.31 -7.07 7.37
N THR A 14 40.86 -6.42 6.35
CA THR A 14 42.28 -6.50 6.06
C THR A 14 43.07 -5.29 6.58
N GLN A 15 42.40 -4.37 7.26
CA GLN A 15 43.02 -3.16 7.79
C GLN A 15 42.03 -2.45 8.69
N GLN A 16 42.51 -1.42 9.37
CA GLN A 16 41.62 -0.53 10.12
C GLN A 16 40.64 0.13 9.16
N SER A 17 39.35 -0.09 9.37
CA SER A 17 38.33 0.32 8.42
C SER A 17 37.27 1.17 9.11
N THR A 18 36.52 1.90 8.29
CA THR A 18 35.51 2.85 8.75
C THR A 18 34.12 2.47 8.26
N LEU A 19 33.11 2.94 8.98
CA LEU A 19 31.73 2.86 8.56
C LEU A 19 31.30 4.22 8.05
N HIS A 20 30.63 4.24 6.89
CA HIS A 20 30.16 5.49 6.29
C HIS A 20 28.72 5.30 5.85
N TYR A 21 27.86 6.26 6.22
CA TYR A 21 26.46 6.24 5.84
C TYR A 21 26.10 7.58 5.22
N ASP A 22 25.36 7.54 4.11
CA ASP A 22 24.83 8.72 3.47
C ASP A 22 23.35 8.52 3.22
N GLN A 23 22.61 9.63 3.17
CA GLN A 23 21.23 9.60 2.73
C GLN A 23 21.21 9.77 1.22
N SER A 24 20.65 8.78 0.52
CA SER A 24 20.58 8.82 -0.93
C SER A 24 19.36 9.62 -1.39
N SER A 25 19.49 10.23 -2.57
CA SER A 25 18.34 10.87 -3.18
C SER A 25 17.37 9.86 -3.78
N GLU A 26 17.89 8.71 -4.21
CA GLU A 26 17.13 7.61 -4.81
C GLU A 26 16.63 6.66 -3.73
N PRO A 27 15.46 6.07 -3.93
CA PRO A 27 14.88 5.15 -2.92
C PRO A 27 15.47 3.75 -3.00
N HIS A 28 16.79 3.66 -2.89
CA HIS A 28 17.51 2.40 -2.88
C HIS A 28 18.22 2.22 -1.55
N ILE A 29 18.59 0.98 -1.28
CA ILE A 29 19.58 0.65 -0.25
C ILE A 29 20.86 0.22 -0.96
N PHE A 30 21.92 1.00 -0.79
CA PHE A 30 23.19 0.81 -1.47
C PHE A 30 24.26 0.46 -0.45
N VAL A 31 24.92 -0.67 -0.67
CA VAL A 31 25.99 -1.16 0.20
C VAL A 31 27.22 -1.37 -0.66
N TRP A 32 28.31 -0.66 -0.33
CA TRP A 32 29.54 -0.70 -1.09
C TRP A 32 30.70 -0.87 -0.13
N ASN A 33 31.43 -1.97 -0.30
CA ASN A 33 32.54 -2.32 0.58
C ASN A 33 33.86 -2.11 -0.17
N THR A 34 34.66 -1.16 0.30
CA THR A 34 36.06 -1.06 -0.08
C THR A 34 36.92 -1.60 1.05
N GLU A 35 38.22 -1.72 0.78
CA GLU A 35 39.14 -2.23 1.79
C GLU A 35 39.18 -1.34 3.03
N GLU A 36 39.01 -0.02 2.84
CA GLU A 36 39.12 0.93 3.94
C GLU A 36 37.79 1.36 4.53
N THR A 37 36.68 1.23 3.80
CA THR A 37 35.42 1.79 4.26
C THR A 37 34.25 0.96 3.74
N LEU A 38 33.35 0.58 4.64
CA LEU A 38 32.06 0.03 4.27
C LEU A 38 31.08 1.20 4.16
N THR A 39 30.49 1.37 2.99
CA THR A 39 29.58 2.48 2.72
C THR A 39 28.15 1.95 2.58
N ILE A 40 27.23 2.58 3.31
CA ILE A 40 25.81 2.23 3.27
C ILE A 40 25.03 3.49 2.95
N ARG A 41 24.13 3.40 1.97
CA ARG A 41 23.27 4.52 1.59
C ARG A 41 21.82 4.07 1.56
N ALA A 42 20.93 4.86 2.14
CA ALA A 42 19.51 4.57 2.23
C ALA A 42 18.76 5.89 2.23
N PRO A 43 17.47 5.89 1.84
CA PRO A 43 16.75 7.17 1.66
C PRO A 43 16.42 7.86 2.97
N PHE A 44 16.90 7.34 4.08
CA PHE A 44 16.50 7.83 5.40
C PHE A 44 17.52 8.82 5.94
N LEU A 45 17.02 9.74 6.76
CA LEU A 45 17.87 10.79 7.31
C LEU A 45 18.93 10.20 8.22
N ALA A 46 20.15 10.72 8.10
CA ALA A 46 21.27 10.17 8.84
C ALA A 46 21.17 10.51 10.33
N ALA A 47 21.31 9.50 11.17
CA ALA A 47 21.44 9.74 12.59
C ALA A 47 22.71 10.55 12.86
N PRO A 48 22.66 11.54 13.75
CA PRO A 48 23.75 12.52 13.84
C PRO A 48 25.00 12.03 14.56
N ASP A 49 25.02 10.81 15.09
CA ASP A 49 26.10 10.36 15.96
C ASP A 49 26.80 9.12 15.43
N ILE A 50 26.64 8.80 14.15
CA ILE A 50 27.11 7.54 13.58
C ILE A 50 28.62 7.40 13.79
N PRO A 51 29.05 6.39 14.52
CA PRO A 51 30.50 6.22 14.77
C PRO A 51 31.29 6.10 13.47
N ARG A 52 32.55 6.51 13.54
CA ARG A 52 33.40 6.57 12.35
C ARG A 52 34.12 5.26 12.07
N PHE A 53 34.61 4.57 13.10
CA PHE A 53 35.56 3.48 12.91
C PHE A 53 34.99 2.15 13.40
N PHE A 54 35.34 1.07 12.68
CA PHE A 54 34.99 -0.28 13.05
C PHE A 54 36.00 -0.82 14.06
N PRO A 55 35.66 -1.92 14.76
CA PRO A 55 36.60 -2.49 15.75
C PRO A 55 37.97 -2.77 15.14
N GLU A 56 39.00 -2.45 15.93
CA GLU A 56 40.38 -2.56 15.46
C GLU A 56 40.78 -3.97 15.01
N PRO A 57 40.50 -5.04 15.77
CA PRO A 57 41.08 -6.35 15.41
C PRO A 57 40.72 -6.80 14.00
N ARG A 58 41.74 -7.22 13.26
CA ARG A 58 41.53 -7.81 11.94
C ARG A 58 40.82 -9.15 12.07
N GLY A 59 39.98 -9.45 11.09
CA GLY A 59 39.32 -10.75 11.06
C GLY A 59 38.01 -10.70 10.30
N LEU A 60 37.31 -11.82 10.35
CA LEU A 60 36.05 -12.00 9.65
C LEU A 60 34.91 -11.55 10.55
N TYR A 61 34.08 -10.64 10.05
CA TYR A 61 33.02 -10.02 10.84
C TYR A 61 31.67 -10.33 10.21
N HIS A 62 30.82 -11.01 10.97
CA HIS A 62 29.43 -11.17 10.57
C HIS A 62 28.68 -9.86 10.73
N PHE A 63 27.82 -9.54 9.76
CA PHE A 63 27.04 -8.31 9.80
C PHE A 63 25.64 -8.58 9.29
N CYS A 64 24.72 -7.70 9.66
CA CYS A 64 23.37 -7.68 9.13
C CYS A 64 22.87 -6.24 9.12
N LEU A 65 22.33 -5.82 7.99
CA LEU A 65 21.73 -4.50 7.83
C LEU A 65 20.23 -4.63 8.01
N TYR A 66 19.68 -3.96 9.02
CA TYR A 66 18.28 -4.10 9.40
C TYR A 66 17.50 -2.83 9.05
N TRP A 67 16.32 -3.01 8.49
CA TRP A 67 15.36 -1.92 8.32
C TRP A 67 14.00 -2.38 8.80
N SER A 68 13.37 -1.57 9.64
CA SER A 68 12.01 -1.81 10.13
C SER A 68 11.23 -0.52 9.97
N ARG A 69 10.11 -0.59 9.25
CA ARG A 69 9.36 0.61 8.90
C ARG A 69 8.64 1.21 10.11
N HIS A 70 8.00 0.36 10.94
CA HIS A 70 7.21 0.88 12.04
C HIS A 70 8.07 1.24 13.25
N THR A 71 9.21 0.57 13.44
CA THR A 71 10.15 1.02 14.45
C THR A 71 10.92 2.26 14.01
N GLY A 72 10.89 2.57 12.70
CA GLY A 72 11.61 3.71 12.17
C GLY A 72 13.10 3.60 12.26
N ARG A 73 13.65 2.38 12.33
CA ARG A 73 15.05 2.15 12.62
C ARG A 73 15.74 1.49 11.43
N LEU A 74 16.83 2.09 10.97
CA LEU A 74 17.79 1.44 10.06
C LEU A 74 19.10 1.35 10.82
N HIS A 75 19.44 0.15 11.29
CA HIS A 75 20.66 -0.05 12.04
C HIS A 75 21.46 -1.19 11.44
N LEU A 76 22.78 -1.08 11.58
CA LEU A 76 23.72 -2.09 11.12
C LEU A 76 24.36 -2.76 12.33
N ARG A 77 24.04 -4.03 12.54
CA ARG A 77 24.72 -4.84 13.54
C ARG A 77 25.95 -5.49 12.90
N TYR A 78 27.09 -5.41 13.60
CA TYR A 78 28.38 -5.74 13.00
C TYR A 78 29.24 -6.40 14.05
N GLY A 79 29.51 -7.70 13.86
CA GLY A 79 30.30 -8.46 14.82
C GLY A 79 29.61 -8.57 16.16
N LYS A 80 30.14 -7.89 17.16
CA LYS A 80 29.54 -7.87 18.49
C LYS A 80 28.84 -6.56 18.81
N HIS A 81 28.85 -5.60 17.90
CA HIS A 81 28.27 -4.29 18.13
C HIS A 81 27.15 -4.02 17.14
N ASP A 82 26.43 -2.92 17.38
CA ASP A 82 25.30 -2.53 16.56
C ASP A 82 25.34 -1.02 16.33
N TYR A 83 25.23 -0.61 15.06
CA TYR A 83 25.35 0.79 14.66
C TYR A 83 24.00 1.29 14.16
N LEU A 84 23.54 2.40 14.72
CA LEU A 84 22.25 3.00 14.34
C LEU A 84 22.48 3.99 13.21
N LEU A 85 22.01 3.64 12.01
CA LEU A 85 22.25 4.48 10.86
C LEU A 85 21.20 5.58 10.73
N SER A 86 19.94 5.26 11.00
CA SER A 86 18.87 6.23 10.95
C SER A 86 17.88 5.98 12.07
N SER A 87 17.36 7.08 12.63
CA SER A 87 16.32 7.02 13.65
C SER A 87 14.94 7.37 13.11
N GLN A 88 14.86 7.87 11.88
CA GLN A 88 13.58 8.25 11.28
C GLN A 88 13.42 7.55 9.93
N ALA A 89 13.39 6.22 9.97
CA ALA A 89 13.22 5.40 8.78
C ALA A 89 11.76 5.02 8.54
N SER A 90 10.83 5.85 8.99
CA SER A 90 9.40 5.54 8.94
C SER A 90 8.82 6.07 7.62
N ARG A 91 9.06 5.30 6.55
CA ARG A 91 8.61 5.67 5.22
C ARG A 91 8.18 4.41 4.48
N LEU A 92 7.07 4.50 3.74
CA LEU A 92 6.50 3.34 3.06
C LEU A 92 7.33 3.01 1.82
N LEU A 93 8.16 1.98 1.92
CA LEU A 93 8.92 1.45 0.80
C LEU A 93 8.89 -0.06 0.86
N CYS A 94 9.02 -0.69 -0.31
CA CYS A 94 8.96 -2.15 -0.43
C CYS A 94 10.17 -2.62 -1.24
N PHE A 95 11.13 -3.25 -0.58
CA PHE A 95 12.34 -3.71 -1.25
C PHE A 95 12.14 -5.15 -1.70
N GLN A 96 12.12 -5.37 -3.01
CA GLN A 96 11.89 -6.68 -3.58
C GLN A 96 12.70 -6.94 -4.84
N LYS A 97 13.59 -6.02 -5.22
CA LYS A 97 14.32 -6.10 -6.48
C LYS A 97 15.78 -5.77 -6.25
N GLN A 98 16.67 -6.61 -6.75
CA GLN A 98 18.10 -6.34 -6.73
C GLN A 98 18.53 -5.80 -8.08
N GLU A 99 19.20 -4.66 -8.08
CA GLU A 99 19.78 -4.09 -9.29
C GLU A 99 21.22 -4.54 -9.44
N GLN A 100 21.70 -4.53 -10.68
CA GLN A 100 23.09 -4.86 -10.94
C GLN A 100 23.99 -3.74 -10.45
N SER A 101 25.00 -4.10 -9.66
CA SER A 101 25.91 -3.13 -9.04
C SER A 101 27.33 -3.48 -9.45
N LEU A 102 27.92 -2.68 -10.34
CA LEU A 102 29.20 -2.98 -10.95
C LEU A 102 30.37 -2.25 -10.29
N LYS A 103 30.19 -1.78 -9.06
CA LYS A 103 31.27 -1.08 -8.37
C LYS A 103 32.41 -2.03 -8.05
N GLN A 104 33.62 -1.48 -8.02
CA GLN A 104 34.81 -2.22 -7.65
C GLN A 104 35.13 -1.99 -6.19
N GLY A 105 35.76 -2.98 -5.56
CA GLY A 105 36.10 -2.86 -4.15
C GLY A 105 36.42 -4.23 -3.56
N ALA A 106 36.17 -4.34 -2.25
CA ALA A 106 36.42 -5.58 -1.53
C ALA A 106 35.12 -6.35 -1.40
N PRO A 107 34.94 -7.46 -2.13
CA PRO A 107 33.64 -8.15 -2.13
C PRO A 107 33.27 -8.66 -0.74
N LEU A 108 31.97 -8.59 -0.45
CA LEU A 108 31.43 -9.14 0.78
C LEU A 108 31.19 -10.64 0.61
N ILE A 109 31.13 -11.34 1.74
CA ILE A 109 31.22 -12.80 1.79
C ILE A 109 29.98 -13.36 2.46
N ALA A 110 29.49 -14.48 1.93
CA ALA A 110 28.34 -15.19 2.50
C ALA A 110 27.11 -14.29 2.60
N THR A 111 26.87 -13.51 1.54
CA THR A 111 25.80 -12.54 1.54
C THR A 111 24.44 -13.21 1.35
N SER A 112 23.43 -12.65 2.00
CA SER A 112 22.06 -13.14 1.90
C SER A 112 21.13 -11.99 2.25
N VAL A 113 19.87 -12.13 1.85
CA VAL A 113 18.89 -11.06 2.01
C VAL A 113 17.51 -11.66 2.19
N SER A 114 16.66 -10.94 2.93
CA SER A 114 15.26 -11.26 3.08
C SER A 114 14.51 -9.97 3.37
N SER A 115 13.32 -9.83 2.77
CA SER A 115 12.50 -8.64 2.97
C SER A 115 11.10 -9.06 3.35
N TRP A 116 10.23 -8.07 3.60
CA TRP A 116 8.84 -8.37 3.93
C TRP A 116 8.13 -9.01 2.75
N GLN A 117 8.38 -8.49 1.54
CA GLN A 117 7.76 -9.03 0.34
C GLN A 117 8.40 -10.34 -0.09
N ILE A 118 9.69 -10.52 0.17
CA ILE A 118 10.39 -11.76 -0.13
C ILE A 118 10.96 -12.29 1.18
N PRO A 119 10.14 -12.95 2.01
CA PRO A 119 10.58 -13.32 3.37
C PRO A 119 11.55 -14.48 3.41
N GLN A 120 11.89 -15.07 2.27
CA GLN A 120 12.80 -16.22 2.26
C GLN A 120 14.25 -15.75 2.40
N ASN A 121 15.06 -16.60 3.02
CA ASN A 121 16.49 -16.33 3.16
C ASN A 121 17.16 -16.64 1.84
N THR A 122 17.40 -15.61 1.05
CA THR A 122 17.93 -15.74 -0.31
C THR A 122 19.41 -15.40 -0.32
N SER A 123 20.24 -16.40 -0.63
CA SER A 123 21.68 -16.15 -0.73
C SER A 123 21.99 -15.41 -2.02
N LEU A 124 22.95 -14.50 -1.94
CA LEU A 124 23.32 -13.66 -3.08
C LEU A 124 24.80 -13.88 -3.42
N PRO A 125 25.16 -13.77 -4.70
CA PRO A 125 26.58 -13.85 -5.06
C PRO A 125 27.38 -12.76 -4.38
N GLY A 126 28.56 -13.12 -3.88
CA GLY A 126 29.43 -12.13 -3.27
C GLY A 126 29.84 -11.07 -4.26
N ALA A 127 29.92 -9.82 -3.79
CA ALA A 127 30.19 -8.69 -4.68
C ALA A 127 30.67 -7.52 -3.84
N PRO A 128 31.44 -6.61 -4.43
CA PRO A 128 31.84 -5.41 -3.68
C PRO A 128 30.67 -4.51 -3.31
N SER A 129 29.62 -4.47 -4.13
CA SER A 129 28.51 -3.57 -3.88
C SER A 129 27.19 -4.26 -4.20
N PHE A 130 26.13 -3.81 -3.52
CA PHE A 130 24.78 -4.32 -3.68
C PHE A 130 23.82 -3.15 -3.77
N ILE A 131 22.79 -3.30 -4.62
CA ILE A 131 21.76 -2.28 -4.77
C ILE A 131 20.42 -2.96 -4.66
N PHE A 132 19.62 -2.54 -3.68
CA PHE A 132 18.28 -3.11 -3.46
C PHE A 132 17.24 -2.03 -3.75
N SER A 133 16.38 -2.31 -4.72
CA SER A 133 15.32 -1.38 -5.10
C SER A 133 13.99 -2.12 -5.13
N PHE A 134 12.98 -1.50 -5.73
CA PHE A 134 11.65 -2.08 -5.82
C PHE A 134 11.27 -2.33 -7.27
N HIS A 135 10.41 -3.30 -7.48
CA HIS A 135 9.70 -3.43 -8.74
C HIS A 135 8.54 -2.43 -8.75
N ASN A 136 8.32 -1.78 -9.90
CA ASN A 136 7.16 -0.91 -10.03
C ASN A 136 5.89 -1.72 -10.28
N ALA A 137 6.00 -2.78 -11.08
CA ALA A 137 4.84 -3.61 -11.39
C ALA A 137 4.46 -4.47 -10.20
N PRO A 138 3.17 -4.81 -10.07
CA PRO A 138 2.74 -5.66 -8.95
C PRO A 138 3.05 -7.13 -9.20
N HIS A 139 4.14 -7.62 -8.59
CA HIS A 139 4.54 -9.01 -8.79
C HIS A 139 3.74 -9.99 -7.96
N LYS A 140 3.08 -9.52 -6.90
CA LYS A 140 2.26 -10.41 -6.07
C LYS A 140 1.13 -10.98 -6.92
N VAL A 141 0.97 -12.29 -6.88
CA VAL A 141 -0.02 -12.98 -7.70
C VAL A 141 -1.39 -12.85 -7.07
N SER A 142 -2.42 -13.37 -7.75
CA SER A 142 -3.79 -13.36 -7.22
C SER A 142 -4.01 -14.55 -6.30
N HIS A 143 -3.16 -14.63 -5.28
CA HIS A 143 -3.21 -15.73 -4.31
C HIS A 143 -4.34 -15.53 -3.31
N ASN A 144 -4.76 -14.29 -3.07
CA ASN A 144 -5.65 -13.90 -1.98
C ASN A 144 -5.04 -14.16 -0.60
N ALA A 145 -3.78 -14.59 -0.55
CA ALA A 145 -3.14 -14.83 0.75
C ALA A 145 -2.89 -13.52 1.48
N SER A 146 -2.21 -12.58 0.83
CA SER A 146 -1.92 -11.28 1.43
C SER A 146 -1.83 -10.24 0.33
N VAL A 147 -2.12 -9.00 0.71
CA VAL A 147 -2.04 -7.85 -0.20
C VAL A 147 -0.80 -7.04 0.16
N ASP A 148 -0.09 -6.57 -0.87
CA ASP A 148 1.13 -5.82 -0.67
C ASP A 148 0.82 -4.35 -0.38
N MET A 149 1.53 -3.78 0.59
CA MET A 149 1.26 -2.41 1.01
C MET A 149 1.48 -1.41 -0.12
N CYS A 150 2.64 -1.52 -0.79
CA CYS A 150 2.96 -0.58 -1.86
C CYS A 150 2.02 -0.70 -3.04
N ASP A 151 1.54 -1.91 -3.34
CA ASP A 151 0.54 -2.07 -4.39
C ASP A 151 -0.76 -1.39 -4.00
N LEU A 152 -1.22 -1.64 -2.76
CA LEU A 152 -2.43 -0.99 -2.28
C LEU A 152 -2.23 0.52 -2.20
N LYS A 153 -1.01 0.96 -1.90
CA LYS A 153 -0.73 2.39 -1.82
C LYS A 153 -0.93 3.07 -3.18
N LYS A 154 -0.46 2.43 -4.25
CA LYS A 154 -0.67 3.00 -5.58
C LYS A 154 -2.14 2.97 -5.96
N GLU A 155 -2.87 1.93 -5.55
CA GLU A 155 -4.29 1.87 -5.84
C GLU A 155 -5.06 2.99 -5.15
N LEU A 156 -4.68 3.31 -3.90
CA LEU A 156 -5.35 4.39 -3.19
C LEU A 156 -4.95 5.75 -3.72
N GLN A 157 -3.71 5.90 -4.19
CA GLN A 157 -3.33 7.11 -4.92
C GLN A 157 -4.15 7.27 -6.18
N GLN A 158 -4.52 6.16 -6.83
CA GLN A 158 -5.35 6.23 -8.01
C GLN A 158 -6.75 6.75 -7.69
N LEU A 159 -7.34 6.26 -6.60
CA LEU A 159 -8.66 6.73 -6.20
C LEU A 159 -8.61 8.20 -5.80
N SER A 160 -7.62 8.57 -5.00
CA SER A 160 -7.43 9.97 -4.63
C SER A 160 -7.30 10.85 -5.86
N ARG A 161 -6.61 10.34 -6.88
CA ARG A 161 -6.50 11.08 -8.14
C ARG A 161 -7.87 11.39 -8.72
N TYR A 162 -8.81 10.44 -8.64
CA TYR A 162 -10.13 10.65 -9.21
C TYR A 162 -10.94 11.62 -8.35
N LEU A 163 -10.81 11.55 -7.02
CA LEU A 163 -11.58 12.42 -6.15
C LEU A 163 -11.19 13.88 -6.34
N GLN A 164 -9.94 14.14 -6.73
CA GLN A 164 -9.51 15.52 -6.94
C GLN A 164 -10.15 16.12 -8.20
N HIS A 165 -10.26 15.32 -9.25
CA HIS A 165 -10.77 15.81 -10.54
C HIS A 165 -11.69 14.76 -11.15
N PRO A 166 -12.83 14.50 -10.52
CA PRO A 166 -13.76 13.49 -11.07
C PRO A 166 -14.36 13.91 -12.38
N GLN A 167 -14.40 15.22 -12.67
CA GLN A 167 -14.85 15.69 -13.96
C GLN A 167 -13.88 15.34 -15.08
N LYS A 168 -12.61 15.08 -14.75
CA LYS A 168 -11.61 14.85 -15.77
C LYS A 168 -11.54 13.40 -16.23
N ALA A 169 -12.13 12.47 -15.48
CA ALA A 169 -12.06 11.05 -15.84
C ALA A 169 -12.75 10.80 -17.17
N ALA A 170 -12.34 9.72 -17.85
CA ALA A 170 -12.89 9.42 -19.17
C ALA A 170 -14.35 9.01 -19.08
N LYS A 171 -14.76 8.38 -17.99
CA LYS A 171 -16.13 7.93 -17.85
C LYS A 171 -16.71 8.46 -16.55
N ARG A 172 -18.05 8.53 -16.51
CA ARG A 172 -18.76 8.65 -15.26
C ARG A 172 -19.02 7.24 -14.76
N PRO A 173 -18.39 6.80 -13.67
CA PRO A 173 -18.47 5.39 -13.29
C PRO A 173 -19.88 5.00 -12.87
N THR A 174 -20.32 3.83 -13.34
CA THR A 174 -21.61 3.30 -12.96
C THR A 174 -21.60 2.90 -11.49
N ALA A 175 -22.79 2.62 -10.96
CA ALA A 175 -22.89 2.23 -9.56
C ALA A 175 -22.24 0.88 -9.31
N ALA A 176 -22.45 -0.08 -10.22
CA ALA A 176 -21.83 -1.40 -10.08
C ALA A 176 -20.31 -1.29 -10.05
N PHE A 177 -19.74 -0.40 -10.85
CA PHE A 177 -18.29 -0.21 -10.83
C PHE A 177 -17.83 0.32 -9.48
N ILE A 178 -18.50 1.36 -8.96
CA ILE A 178 -18.10 1.94 -7.69
C ILE A 178 -18.28 0.92 -6.57
N SER A 179 -19.41 0.20 -6.57
CA SER A 179 -19.64 -0.83 -5.58
C SER A 179 -18.57 -1.91 -5.63
N GLN A 180 -18.19 -2.34 -6.84
CA GLN A 180 -17.13 -3.32 -6.97
C GLN A 180 -15.81 -2.81 -6.42
N GLN A 181 -15.49 -1.52 -6.66
CA GLN A 181 -14.22 -0.98 -6.18
C GLN A 181 -14.19 -0.86 -4.67
N LEU A 182 -15.28 -0.38 -4.07
CA LEU A 182 -15.32 -0.25 -2.62
C LEU A 182 -15.26 -1.61 -1.92
N GLN A 183 -15.85 -2.64 -2.53
CA GLN A 183 -15.68 -4.00 -2.02
C GLN A 183 -14.22 -4.43 -2.10
N SER A 184 -13.60 -4.23 -3.26
CA SER A 184 -12.19 -4.58 -3.44
C SER A 184 -11.31 -3.85 -2.43
N LEU A 185 -11.57 -2.57 -2.22
CA LEU A 185 -10.77 -1.78 -1.29
C LEU A 185 -10.89 -2.32 0.13
N GLU A 186 -12.13 -2.57 0.57
CA GLU A 186 -12.33 -3.16 1.90
C GLU A 186 -11.63 -4.51 2.01
N SER A 187 -11.76 -5.34 0.98
CA SER A 187 -11.14 -6.66 1.01
C SER A 187 -9.62 -6.56 1.14
N LYS A 188 -9.01 -5.59 0.46
CA LYS A 188 -7.56 -5.48 0.49
C LYS A 188 -7.07 -4.89 1.82
N LEU A 189 -7.90 -4.09 2.49
CA LEU A 189 -7.50 -3.52 3.77
C LEU A 189 -7.52 -4.56 4.88
N THR A 190 -8.44 -5.52 4.82
CA THR A 190 -8.50 -6.56 5.84
C THR A 190 -7.41 -7.60 5.67
N SER A 191 -6.84 -7.71 4.48
CA SER A 191 -5.87 -8.75 4.17
C SER A 191 -4.46 -8.24 3.98
N VAL A 192 -4.23 -6.92 4.00
CA VAL A 192 -2.90 -6.38 3.79
C VAL A 192 -2.00 -6.75 4.97
N SER A 193 -0.83 -7.28 4.67
CA SER A 193 0.10 -7.74 5.69
C SER A 193 1.06 -6.61 6.03
N PHE A 194 1.12 -6.26 7.32
CA PHE A 194 2.02 -5.22 7.79
C PHE A 194 2.48 -5.59 9.18
N LEU A 195 3.51 -4.89 9.66
CA LEU A 195 4.20 -5.25 10.88
C LEU A 195 3.68 -4.51 12.11
N GLY A 196 3.31 -3.25 11.99
CA GLY A 196 2.77 -2.51 13.11
C GLY A 196 1.38 -3.00 13.50
N ASP A 197 0.86 -2.39 14.57
CA ASP A 197 -0.52 -2.65 14.95
C ASP A 197 -1.51 -1.85 14.11
N THR A 198 -1.08 -0.74 13.53
CA THR A 198 -1.94 0.12 12.74
C THR A 198 -1.23 0.49 11.44
N LEU A 199 -1.99 0.52 10.35
CA LEU A 199 -1.48 0.96 9.05
C LEU A 199 -2.46 1.95 8.46
N SER A 200 -1.97 3.14 8.14
CA SER A 200 -2.78 4.21 7.57
C SER A 200 -2.30 4.53 6.16
N PHE A 201 -3.26 4.71 5.26
CA PHE A 201 -2.98 5.14 3.89
C PHE A 201 -3.56 6.55 3.73
N GLU A 202 -2.69 7.55 3.86
CA GLU A 202 -3.10 8.95 3.91
C GLU A 202 -2.90 9.57 2.53
N GLU A 203 -4.00 9.75 1.80
CA GLU A 203 -3.98 10.36 0.48
C GLU A 203 -4.81 11.64 0.49
N ASP A 204 -4.70 12.38 -0.61
CA ASP A 204 -5.53 13.56 -0.80
C ASP A 204 -6.99 13.15 -0.93
N ARG A 205 -7.83 13.66 -0.02
CA ARG A 205 -9.28 13.43 -0.01
C ARG A 205 -9.67 11.98 0.27
N VAL A 206 -8.78 11.20 0.87
CA VAL A 206 -9.11 9.85 1.33
C VAL A 206 -8.03 9.41 2.31
N ASN A 207 -8.45 8.72 3.38
CA ASN A 207 -7.56 8.27 4.44
C ASN A 207 -8.10 6.97 4.98
N ALA A 208 -7.45 5.86 4.64
CA ALA A 208 -7.86 4.52 5.05
C ALA A 208 -6.90 4.00 6.12
N THR A 209 -7.45 3.49 7.21
CA THR A 209 -6.68 3.05 8.37
C THR A 209 -7.13 1.66 8.79
N VAL A 210 -6.16 0.81 9.14
CA VAL A 210 -6.41 -0.58 9.49
C VAL A 210 -5.91 -0.80 10.91
N TRP A 211 -6.80 -1.25 11.79
CA TRP A 211 -6.45 -1.62 13.16
C TRP A 211 -6.43 -3.14 13.29
N LYS A 212 -5.33 -3.67 13.81
CA LYS A 212 -5.29 -5.07 14.22
C LYS A 212 -5.93 -5.18 15.60
N LEU A 213 -7.10 -5.79 15.68
CA LEU A 213 -7.80 -5.78 16.97
C LEU A 213 -7.14 -6.76 17.93
N PRO A 214 -6.98 -6.37 19.19
CA PRO A 214 -6.49 -7.31 20.20
C PRO A 214 -7.61 -8.22 20.67
N PRO A 215 -7.28 -9.36 21.27
CA PRO A 215 -8.32 -10.16 21.93
C PRO A 215 -9.06 -9.37 23.00
N THR A 216 -8.37 -8.44 23.67
CA THR A 216 -8.94 -7.63 24.73
C THR A 216 -9.91 -6.56 24.22
N ALA A 217 -9.99 -6.33 22.90
CA ALA A 217 -10.76 -5.22 22.38
C ALA A 217 -12.25 -5.36 22.67
N GLY A 218 -12.74 -6.60 22.78
CA GLY A 218 -14.16 -6.77 23.08
C GLY A 218 -14.51 -6.28 24.47
N LEU A 219 -13.50 -6.11 25.32
CA LEU A 219 -13.79 -5.80 26.71
C LEU A 219 -14.14 -4.33 26.91
N GLU A 220 -13.64 -3.45 26.05
CA GLU A 220 -13.79 -2.01 26.28
C GLU A 220 -14.15 -1.30 24.98
N ASP A 221 -14.76 -0.14 25.13
CA ASP A 221 -15.13 0.70 23.99
C ASP A 221 -13.89 1.24 23.30
N LEU A 222 -14.09 1.69 22.06
CA LEU A 222 -13.02 2.24 21.23
C LEU A 222 -13.33 3.69 20.88
N HIS A 223 -12.36 4.57 21.14
CA HIS A 223 -12.49 6.01 20.86
C HIS A 223 -11.48 6.40 19.78
N ILE A 224 -11.97 7.08 18.74
CA ILE A 224 -11.16 7.50 17.60
C ILE A 224 -11.35 8.99 17.39
N HIS A 225 -10.25 9.69 17.09
CA HIS A 225 -10.28 11.14 16.87
C HIS A 225 -9.48 11.47 15.63
N SER A 226 -9.84 12.60 15.00
CA SER A 226 -9.22 13.01 13.76
C SER A 226 -8.89 14.49 13.81
N GLN A 227 -8.05 14.93 12.87
CA GLN A 227 -7.64 16.33 12.79
C GLN A 227 -7.64 16.78 11.34
N LYS A 228 -8.32 17.91 11.06
CA LYS A 228 -8.53 18.40 9.70
C LYS A 228 -8.25 19.89 9.52
N GLU A 229 -7.87 20.60 10.58
CA GLU A 229 -7.24 21.92 10.51
C GLU A 229 -8.20 23.06 10.23
N GLU A 230 -9.51 22.85 10.33
CA GLU A 230 -10.49 23.91 10.49
C GLU A 230 -10.61 24.83 9.26
N GLU A 231 -10.20 24.38 8.08
CA GLU A 231 -10.40 25.20 6.90
C GLU A 231 -11.89 25.42 6.64
N GLN A 232 -12.24 26.30 5.68
CA GLN A 232 -13.64 26.64 5.39
C GLN A 232 -14.21 25.73 4.32
N SER A 233 -14.19 24.43 4.62
CA SER A 233 -14.83 23.42 3.78
C SER A 233 -16.09 22.88 4.45
N GLU A 234 -16.53 23.51 5.53
CA GLU A 234 -17.76 23.26 6.28
C GLU A 234 -17.64 22.14 7.31
N VAL A 235 -16.54 21.37 7.31
CA VAL A 235 -16.35 20.32 8.31
C VAL A 235 -14.93 20.42 8.83
N GLN A 236 -14.75 20.29 10.15
CA GLN A 236 -13.48 20.60 10.78
C GLN A 236 -12.84 19.43 11.53
N ALA A 237 -13.63 18.54 12.13
CA ALA A 237 -13.06 17.40 12.85
C ALA A 237 -14.18 16.40 13.14
N TYR A 238 -13.78 15.19 13.52
CA TYR A 238 -14.74 14.15 13.88
C TYR A 238 -14.17 13.28 14.99
N SER A 239 -15.08 12.60 15.69
CA SER A 239 -14.73 11.62 16.72
C SER A 239 -15.66 10.42 16.58
N LEU A 240 -15.16 9.26 16.96
CA LEU A 240 -15.93 8.02 16.87
C LEU A 240 -15.91 7.30 18.20
N LEU A 241 -17.04 6.71 18.58
CA LEU A 241 -17.15 5.83 19.74
C LEU A 241 -17.70 4.50 19.25
N LEU A 242 -16.90 3.44 19.40
CA LEU A 242 -17.29 2.13 18.93
C LEU A 242 -17.56 1.22 20.13
N PRO A 243 -18.81 0.82 20.35
CA PRO A 243 -19.13 0.03 21.55
C PRO A 243 -18.42 -1.31 21.54
N ARG A 244 -18.18 -1.83 22.75
CA ARG A 244 -17.45 -3.08 22.91
C ARG A 244 -18.16 -4.24 22.21
N ALA A 245 -19.50 -4.21 22.18
CA ALA A 245 -20.25 -5.30 21.56
C ALA A 245 -19.95 -5.41 20.07
N VAL A 246 -19.59 -4.30 19.42
CA VAL A 246 -19.28 -4.32 18.00
C VAL A 246 -18.09 -5.22 17.71
N PHE A 247 -17.12 -5.26 18.61
CA PHE A 247 -15.92 -6.07 18.42
C PHE A 247 -16.05 -7.49 18.93
N GLN A 248 -17.16 -7.83 19.58
CA GLN A 248 -17.28 -9.13 20.22
C GLN A 248 -17.51 -10.23 19.20
N GLN A 249 -16.79 -11.34 19.38
CA GLN A 249 -16.99 -12.54 18.57
C GLN A 249 -18.40 -13.08 18.79
N THR A 250 -18.95 -13.75 17.77
CA THR A 250 -20.33 -14.22 17.88
C THR A 250 -20.41 -15.42 18.83
N ARG A 251 -21.64 -15.76 19.22
CA ARG A 251 -21.87 -16.79 20.23
C ARG A 251 -21.36 -18.15 19.76
N GLY A 252 -21.52 -18.47 18.47
CA GLY A 252 -21.05 -19.74 17.95
C GLY A 252 -19.73 -19.67 17.23
N ARG A 253 -18.99 -18.59 17.45
CA ARG A 253 -17.72 -18.40 16.77
C ARG A 253 -16.60 -19.12 17.49
N ARG A 254 -15.58 -19.49 16.72
CA ARG A 254 -14.50 -20.30 17.21
C ARG A 254 -13.17 -19.68 16.83
N ARG A 255 -12.15 -20.05 17.61
CA ARG A 255 -10.71 -19.93 17.36
C ARG A 255 -10.12 -18.58 17.77
N ASP A 256 -10.94 -17.59 18.12
CA ASP A 256 -10.48 -16.29 18.58
C ASP A 256 -9.47 -15.69 17.61
N ASP A 257 -9.80 -15.77 16.32
CA ASP A 257 -8.91 -15.24 15.29
C ASP A 257 -8.86 -13.72 15.34
N ALA A 258 -7.79 -13.16 14.80
CA ALA A 258 -7.65 -11.71 14.74
C ALA A 258 -8.71 -11.11 13.83
N LYS A 259 -9.30 -10.00 14.27
CA LYS A 259 -10.22 -9.22 13.48
C LYS A 259 -9.64 -7.83 13.29
N ARG A 260 -10.06 -7.16 12.21
CA ARG A 260 -9.53 -5.85 11.90
C ARG A 260 -10.64 -4.81 11.88
N LEU A 261 -10.27 -3.60 12.29
CA LEU A 261 -11.13 -2.43 12.19
C LEU A 261 -10.71 -1.62 10.96
N LEU A 262 -11.69 -1.18 10.18
CA LEU A 262 -11.47 -0.41 8.98
C LEU A 262 -12.20 0.92 9.09
N VAL A 263 -11.47 2.02 9.08
CA VAL A 263 -12.05 3.35 9.00
C VAL A 263 -11.53 3.98 7.71
N VAL A 264 -12.41 4.14 6.74
CA VAL A 264 -12.09 4.79 5.46
C VAL A 264 -12.75 6.16 5.49
N ASP A 265 -11.92 7.20 5.55
CA ASP A 265 -12.38 8.57 5.73
C ASP A 265 -12.33 9.29 4.39
N PHE A 266 -13.49 9.61 3.83
CA PHE A 266 -13.59 10.34 2.57
C PHE A 266 -13.79 11.83 2.83
N SER A 267 -13.07 12.64 2.07
CA SER A 267 -13.33 14.08 1.98
C SER A 267 -13.94 14.42 0.63
N SER A 268 -14.81 13.54 0.15
CA SER A 268 -15.43 13.65 -1.17
C SER A 268 -16.62 12.70 -1.21
N GLN A 269 -17.68 13.13 -1.88
CA GLN A 269 -18.88 12.31 -2.06
C GLN A 269 -19.03 11.85 -3.50
N ALA A 270 -17.91 11.78 -4.21
CA ALA A 270 -17.95 11.43 -5.63
C ALA A 270 -18.44 10.00 -5.83
N LEU A 271 -18.11 9.10 -4.91
CA LEU A 271 -18.54 7.71 -4.99
C LEU A 271 -19.89 7.47 -4.33
N PHE A 272 -20.53 8.51 -3.79
CA PHE A 272 -21.77 8.39 -3.02
C PHE A 272 -22.76 9.45 -3.48
N GLN A 273 -23.17 9.35 -4.74
CA GLN A 273 -24.16 10.25 -5.33
C GLN A 273 -25.44 9.45 -5.55
N ASP A 274 -26.46 9.78 -4.77
CA ASP A 274 -27.77 9.16 -4.97
C ASP A 274 -28.46 9.79 -6.17
N LYS A 275 -29.65 9.31 -6.49
CA LYS A 275 -30.52 10.04 -7.39
C LYS A 275 -30.88 11.37 -6.74
N ASN A 276 -30.88 12.43 -7.54
CA ASN A 276 -31.03 13.84 -7.16
C ASN A 276 -29.72 14.39 -6.59
N SER A 277 -28.68 13.57 -6.46
CA SER A 277 -27.32 14.01 -6.12
C SER A 277 -27.30 14.87 -4.85
N SER A 278 -27.81 14.28 -3.77
CA SER A 278 -27.91 14.99 -2.51
C SER A 278 -26.55 15.33 -1.93
N GLN A 279 -26.45 16.48 -1.30
CA GLN A 279 -25.20 16.97 -0.75
C GLN A 279 -25.02 16.51 0.68
N VAL A 280 -23.76 16.35 1.07
CA VAL A 280 -23.38 15.92 2.41
C VAL A 280 -22.45 16.97 3.02
N LEU A 281 -22.57 17.17 4.33
CA LEU A 281 -21.79 18.18 5.04
C LEU A 281 -20.30 17.95 4.81
N GLY A 282 -19.63 18.93 4.22
CA GLY A 282 -18.21 18.81 3.94
C GLY A 282 -17.83 17.64 3.05
N GLU A 283 -18.77 17.11 2.27
CA GLU A 283 -18.54 15.92 1.45
C GLU A 283 -18.01 14.74 2.26
N LYS A 284 -18.22 14.78 3.58
CA LYS A 284 -17.68 13.75 4.47
C LYS A 284 -18.49 12.47 4.34
N VAL A 285 -17.82 11.38 3.97
CA VAL A 285 -18.39 10.04 3.99
C VAL A 285 -17.42 9.15 4.76
N LEU A 286 -17.86 8.61 5.89
CA LEU A 286 -17.00 7.91 6.83
C LEU A 286 -17.39 6.44 6.85
N GLY A 287 -16.49 5.58 6.37
CA GLY A 287 -16.72 4.14 6.34
C GLY A 287 -16.11 3.47 7.55
N ILE A 288 -16.94 2.68 8.25
CA ILE A 288 -16.53 1.93 9.43
C ILE A 288 -16.89 0.47 9.20
N VAL A 289 -15.91 -0.41 9.36
CA VAL A 289 -16.07 -1.83 9.07
C VAL A 289 -15.31 -2.63 10.11
N VAL A 290 -16.01 -3.54 10.77
CA VAL A 290 -15.38 -4.64 11.48
C VAL A 290 -15.35 -5.83 10.53
N GLN A 291 -14.15 -6.41 10.36
CA GLN A 291 -13.87 -7.40 9.33
C GLN A 291 -14.95 -8.48 9.20
N ASN A 292 -15.65 -8.47 8.07
CA ASN A 292 -16.60 -9.52 7.71
C ASN A 292 -17.69 -9.69 8.77
N THR A 293 -18.16 -8.58 9.33
CA THR A 293 -19.13 -8.64 10.41
C THR A 293 -20.19 -7.58 10.22
N LYS A 294 -21.45 -7.94 10.50
CA LYS A 294 -22.56 -7.01 10.58
C LYS A 294 -23.19 -7.11 11.96
N VAL A 295 -23.30 -5.98 12.64
CA VAL A 295 -23.90 -5.91 13.96
C VAL A 295 -25.15 -5.04 13.87
N THR A 296 -26.20 -5.44 14.58
CA THR A 296 -27.46 -4.72 14.56
C THR A 296 -28.10 -4.79 15.94
N ASN A 297 -29.04 -3.88 16.18
CA ASN A 297 -29.80 -3.83 17.43
C ASN A 297 -28.85 -3.68 18.63
N LEU A 298 -27.96 -2.70 18.53
CA LEU A 298 -27.00 -2.46 19.59
C LEU A 298 -27.67 -1.79 20.80
N SER A 299 -27.28 -2.23 21.99
CA SER A 299 -27.75 -1.58 23.22
C SER A 299 -27.17 -0.18 23.31
N ASP A 300 -25.86 -0.09 23.54
CA ASP A 300 -25.17 1.18 23.45
C ASP A 300 -24.81 1.45 22.00
N PRO A 301 -25.20 2.58 21.42
CA PRO A 301 -24.99 2.80 19.99
C PRO A 301 -23.58 3.24 19.68
N VAL A 302 -23.17 2.98 18.44
CA VAL A 302 -22.01 3.68 17.89
C VAL A 302 -22.40 5.14 17.68
N VAL A 303 -21.52 6.05 18.07
CA VAL A 303 -21.81 7.47 17.98
C VAL A 303 -20.72 8.13 17.13
N LEU A 304 -21.15 8.98 16.20
CA LEU A 304 -20.27 9.75 15.34
C LEU A 304 -20.56 11.22 15.58
N THR A 305 -19.56 11.96 16.06
CA THR A 305 -19.68 13.37 16.38
C THR A 305 -18.81 14.19 15.43
N PHE A 306 -19.39 15.21 14.82
CA PHE A 306 -18.72 16.01 13.80
C PHE A 306 -18.79 17.48 14.17
N GLN A 307 -17.63 18.13 14.22
CA GLN A 307 -17.55 19.58 14.37
C GLN A 307 -17.59 20.24 13.00
N HIS A 308 -18.38 21.31 12.89
CA HIS A 308 -18.62 21.93 11.59
C HIS A 308 -19.01 23.39 11.79
N GLN A 309 -18.98 24.15 10.67
CA GLN A 309 -19.48 25.53 10.74
C GLN A 309 -20.94 25.56 10.30
N PRO A 310 -21.81 26.19 11.09
CA PRO A 310 -23.25 26.10 10.81
C PRO A 310 -23.66 26.85 9.55
N GLN A 311 -24.62 26.27 8.82
CA GLN A 311 -25.28 26.94 7.70
C GLN A 311 -26.78 26.65 7.73
N PRO A 312 -27.44 26.95 8.86
CA PRO A 312 -28.76 26.37 9.13
C PRO A 312 -29.95 27.21 8.70
N LYS A 313 -29.76 28.25 7.89
CA LYS A 313 -30.88 29.11 7.52
C LYS A 313 -31.92 28.33 6.72
N ASN A 314 -31.47 27.49 5.80
CA ASN A 314 -32.39 26.76 4.92
C ASN A 314 -32.10 25.27 4.87
N VAL A 315 -31.40 24.72 5.87
CA VAL A 315 -31.00 23.32 5.83
C VAL A 315 -30.97 22.76 7.24
N THR A 316 -31.25 21.46 7.34
CA THR A 316 -31.14 20.70 8.58
C THR A 316 -30.15 19.56 8.34
N LEU A 317 -29.51 19.11 9.42
CA LEU A 317 -28.52 18.04 9.34
C LEU A 317 -29.14 16.73 9.81
N GLN A 318 -29.03 15.69 8.99
CA GLN A 318 -29.60 14.39 9.31
C GLN A 318 -28.55 13.31 9.13
N CYS A 319 -28.27 12.57 10.21
CA CYS A 319 -27.38 11.43 10.13
C CYS A 319 -27.98 10.33 9.27
N VAL A 320 -27.19 9.85 8.30
CA VAL A 320 -27.62 8.79 7.39
C VAL A 320 -26.44 7.85 7.15
N PHE A 321 -26.77 6.67 6.63
CA PHE A 321 -25.75 5.71 6.18
C PHE A 321 -26.10 5.23 4.78
N TRP A 322 -25.06 4.96 4.00
CA TRP A 322 -25.25 4.58 2.61
C TRP A 322 -25.79 3.16 2.50
N VAL A 323 -26.89 3.01 1.78
CA VAL A 323 -27.46 1.70 1.50
C VAL A 323 -27.52 1.52 -0.02
N GLU A 324 -27.23 0.30 -0.48
CA GLU A 324 -27.37 -0.06 -1.87
C GLU A 324 -28.24 -1.30 -1.99
N ASP A 325 -28.78 -1.51 -3.18
CA ASP A 325 -29.59 -2.71 -3.43
C ASP A 325 -28.79 -3.71 -4.26
N PRO A 326 -28.36 -4.83 -3.70
CA PRO A 326 -27.82 -5.91 -4.53
C PRO A 326 -28.91 -6.42 -5.47
N ALA A 327 -28.52 -6.68 -6.72
CA ALA A 327 -29.37 -7.07 -7.85
C ALA A 327 -30.10 -5.87 -8.46
N SER A 328 -29.77 -4.65 -8.06
CA SER A 328 -30.34 -3.47 -8.70
C SER A 328 -29.45 -2.94 -9.82
N SER A 329 -28.13 -2.97 -9.62
CA SER A 329 -27.16 -2.33 -10.52
C SER A 329 -27.49 -0.85 -10.70
N SER A 330 -28.17 -0.27 -9.71
CA SER A 330 -28.60 1.11 -9.73
C SER A 330 -27.93 1.87 -8.60
N THR A 331 -27.95 3.20 -8.71
CA THR A 331 -27.34 4.04 -7.70
C THR A 331 -27.97 3.82 -6.33
N GLY A 332 -27.18 4.00 -5.28
CA GLY A 332 -27.64 3.82 -3.92
C GLY A 332 -28.40 5.03 -3.41
N SER A 333 -28.65 5.02 -2.10
CA SER A 333 -29.39 6.10 -1.46
C SER A 333 -29.00 6.16 0.01
N TRP A 334 -29.40 7.24 0.66
CA TRP A 334 -29.09 7.44 2.07
C TRP A 334 -30.26 6.99 2.93
N SER A 335 -29.95 6.34 4.05
CA SER A 335 -30.96 5.86 4.98
C SER A 335 -30.60 6.29 6.39
N SER A 336 -31.63 6.68 7.16
CA SER A 336 -31.46 7.08 8.54
C SER A 336 -31.97 6.02 9.52
N ALA A 337 -32.27 4.82 9.03
CA ALA A 337 -32.85 3.78 9.87
C ALA A 337 -31.92 3.43 11.02
N GLY A 338 -32.46 3.43 12.24
CA GLY A 338 -31.67 3.11 13.40
C GLY A 338 -30.59 4.12 13.72
N CYS A 339 -30.69 5.33 13.17
CA CYS A 339 -29.69 6.37 13.39
C CYS A 339 -30.40 7.63 13.87
N GLU A 340 -30.10 8.05 15.10
CA GLU A 340 -30.67 9.26 15.68
C GLU A 340 -29.70 10.42 15.53
N THR A 341 -30.25 11.61 15.27
CA THR A 341 -29.46 12.81 15.04
C THR A 341 -29.68 13.80 16.16
N VAL A 342 -28.59 14.35 16.69
CA VAL A 342 -28.64 15.53 17.55
C VAL A 342 -27.75 16.59 16.90
N SER A 343 -28.37 17.67 16.44
CA SER A 343 -27.70 18.65 15.59
C SER A 343 -27.75 20.03 16.26
N ARG A 344 -26.76 20.29 17.11
CA ARG A 344 -26.57 21.64 17.61
C ARG A 344 -25.94 22.50 16.51
N ASP A 345 -25.84 23.80 16.78
CA ASP A 345 -25.47 24.75 15.74
C ASP A 345 -24.12 24.40 15.12
N THR A 346 -23.09 24.19 15.95
CA THR A 346 -21.75 23.96 15.45
C THR A 346 -21.30 22.50 15.57
N GLN A 347 -22.15 21.61 16.07
CA GLN A 347 -21.75 20.23 16.31
C GLN A 347 -22.96 19.32 16.16
N THR A 348 -22.74 18.18 15.51
CA THR A 348 -23.78 17.20 15.24
C THR A 348 -23.27 15.80 15.59
N SER A 349 -24.12 15.01 16.24
CA SER A 349 -23.77 13.66 16.69
C SER A 349 -24.77 12.65 16.15
N CYS A 350 -24.26 11.52 15.69
CA CYS A 350 -25.04 10.47 15.07
C CYS A 350 -25.04 9.25 15.99
N LEU A 351 -26.23 8.79 16.38
CA LEU A 351 -26.37 7.65 17.28
C LEU A 351 -27.06 6.53 16.51
N CYS A 352 -26.28 5.54 16.10
CA CYS A 352 -26.77 4.43 15.30
C CYS A 352 -26.62 3.12 16.05
N ASN A 353 -27.65 2.27 15.95
CA ASN A 353 -27.65 0.96 16.62
C ASN A 353 -27.12 -0.16 15.73
N HIS A 354 -26.18 0.14 14.84
CA HIS A 354 -25.68 -0.85 13.89
C HIS A 354 -24.49 -0.26 13.14
N LEU A 355 -23.61 -1.15 12.69
CA LEU A 355 -22.61 -0.80 11.67
C LEU A 355 -22.34 -2.02 10.80
N THR B 1 -19.78 -0.08 6.62
CA THR B 1 -20.88 0.85 6.46
C THR B 1 -20.37 2.29 6.37
N TYR B 2 -20.88 3.05 5.42
CA TYR B 2 -20.45 4.42 5.18
C TYR B 2 -21.49 5.37 5.78
N PHE B 3 -21.09 6.08 6.83
CA PHE B 3 -21.95 7.04 7.51
C PHE B 3 -21.65 8.45 7.01
N ALA B 4 -22.70 9.24 6.85
CA ALA B 4 -22.57 10.63 6.44
C ALA B 4 -23.73 11.42 7.04
N VAL B 5 -23.59 12.74 7.01
CA VAL B 5 -24.61 13.63 7.55
C VAL B 5 -25.25 14.39 6.40
N LEU B 6 -26.48 13.99 6.05
CA LEU B 6 -27.17 14.58 4.91
C LEU B 6 -27.58 16.03 5.22
N MET B 7 -27.59 16.85 4.18
CA MET B 7 -28.02 18.24 4.27
C MET B 7 -29.42 18.32 3.66
N VAL B 8 -30.44 18.35 4.52
CA VAL B 8 -31.83 18.38 4.10
C VAL B 8 -32.37 19.79 4.33
N SER B 9 -33.03 20.34 3.30
CA SER B 9 -33.55 21.70 3.36
C SER B 9 -34.97 21.72 3.92
N SER C 1 -7.02 -9.57 -18.08
CA SER C 1 -5.87 -8.94 -18.71
C SER C 1 -6.31 -7.90 -19.73
N VAL C 2 -6.02 -6.63 -19.45
CA VAL C 2 -6.38 -5.57 -20.40
C VAL C 2 -5.66 -5.73 -21.73
N PRO C 3 -4.37 -6.07 -21.78
CA PRO C 3 -3.81 -6.51 -23.08
C PRO C 3 -4.46 -7.82 -23.51
N THR C 4 -5.21 -7.76 -24.61
CA THR C 4 -6.02 -8.91 -25.02
C THR C 4 -5.15 -10.07 -25.51
N LYS C 5 -4.07 -9.77 -26.22
CA LYS C 5 -3.24 -10.80 -26.81
C LYS C 5 -1.78 -10.48 -26.54
N LEU C 6 -0.95 -11.50 -26.46
CA LEU C 6 0.49 -11.35 -26.30
C LEU C 6 1.18 -12.46 -27.07
N GLU C 7 2.00 -12.09 -28.05
CA GLU C 7 2.64 -13.07 -28.89
C GLU C 7 4.08 -12.67 -29.17
N VAL C 8 4.90 -13.69 -29.43
CA VAL C 8 6.27 -13.50 -29.89
C VAL C 8 6.27 -13.48 -31.41
N VAL C 9 6.74 -12.38 -31.99
CA VAL C 9 6.81 -12.26 -33.45
C VAL C 9 8.14 -12.79 -33.98
N ALA C 10 9.24 -12.49 -33.30
CA ALA C 10 10.57 -12.88 -33.76
C ALA C 10 11.46 -13.11 -32.54
N ALA C 11 12.59 -13.78 -32.78
CA ALA C 11 13.48 -14.13 -31.69
C ALA C 11 14.83 -14.54 -32.22
N THR C 12 15.86 -14.33 -31.39
CA THR C 12 17.21 -14.85 -31.58
C THR C 12 17.55 -15.66 -30.32
N PRO C 13 18.69 -16.35 -30.26
CA PRO C 13 19.00 -17.09 -29.03
C PRO C 13 19.05 -16.25 -27.77
N THR C 14 19.34 -14.94 -27.88
CA THR C 14 19.43 -14.09 -26.70
C THR C 14 18.42 -12.95 -26.67
N SER C 15 17.68 -12.71 -27.74
CA SER C 15 16.78 -11.57 -27.80
C SER C 15 15.38 -12.01 -28.22
N LEU C 16 14.41 -11.14 -27.96
CA LEU C 16 13.01 -11.48 -28.17
C LEU C 16 12.24 -10.23 -28.60
N LEU C 17 11.28 -10.41 -29.50
CA LEU C 17 10.40 -9.34 -29.95
C LEU C 17 8.97 -9.75 -29.65
N ILE C 18 8.34 -9.07 -28.68
CA ILE C 18 6.99 -9.37 -28.27
C ILE C 18 6.04 -8.30 -28.80
N SER C 19 4.78 -8.69 -28.96
CA SER C 19 3.75 -7.79 -29.47
C SER C 19 2.44 -8.10 -28.77
N TRP C 20 1.60 -7.08 -28.61
CA TRP C 20 0.35 -7.26 -27.88
C TRP C 20 -0.72 -6.35 -28.45
N ASP C 21 -1.97 -6.84 -28.43
CA ASP C 21 -3.11 -6.04 -28.84
C ASP C 21 -3.38 -4.95 -27.81
N ALA C 22 -3.44 -3.70 -28.29
CA ALA C 22 -3.81 -2.61 -27.40
C ALA C 22 -5.31 -2.64 -27.10
N PRO C 23 -5.71 -2.22 -25.91
CA PRO C 23 -7.14 -2.14 -25.59
C PRO C 23 -7.77 -0.87 -26.15
N ALA C 24 -9.10 -0.89 -26.21
CA ALA C 24 -9.86 0.25 -26.72
C ALA C 24 -10.05 1.34 -25.66
N VAL C 25 -9.04 1.59 -24.83
CA VAL C 25 -9.07 2.64 -23.82
C VAL C 25 -7.72 3.34 -23.81
N THR C 26 -7.66 4.47 -23.11
CA THR C 26 -6.43 5.23 -23.02
C THR C 26 -5.43 4.52 -22.12
N VAL C 27 -4.29 4.12 -22.68
CA VAL C 27 -3.18 3.56 -21.92
C VAL C 27 -2.08 4.62 -21.85
N ASP C 28 -1.68 4.98 -20.63
CA ASP C 28 -0.57 5.91 -20.49
C ASP C 28 0.76 5.24 -20.83
N HIS C 29 1.04 4.09 -20.21
CA HIS C 29 2.25 3.34 -20.51
C HIS C 29 2.01 1.88 -20.15
N TYR C 30 2.84 1.01 -20.72
CA TYR C 30 2.85 -0.40 -20.38
C TYR C 30 4.06 -0.72 -19.53
N VAL C 31 3.94 -1.77 -18.72
CA VAL C 31 5.05 -2.27 -17.92
C VAL C 31 5.34 -3.70 -18.34
N ILE C 32 6.53 -3.94 -18.86
CA ILE C 32 6.99 -5.26 -19.27
C ILE C 32 7.92 -5.79 -18.20
N THR C 33 7.64 -6.99 -17.68
CA THR C 33 8.48 -7.65 -16.70
C THR C 33 8.93 -8.99 -17.26
N TYR C 34 10.16 -9.38 -16.93
CA TYR C 34 10.68 -10.67 -17.38
C TYR C 34 11.74 -11.16 -16.40
N GLY C 35 11.81 -12.48 -16.28
CA GLY C 35 12.80 -13.12 -15.43
C GLY C 35 12.84 -14.60 -15.72
N GLU C 36 13.86 -15.26 -15.19
CA GLU C 36 13.96 -16.71 -15.32
C GLU C 36 12.86 -17.36 -14.51
N THR C 37 12.10 -18.26 -15.16
CA THR C 37 10.87 -18.78 -14.58
C THR C 37 11.09 -19.39 -13.21
N GLY C 38 12.20 -20.11 -13.03
CA GLY C 38 12.51 -20.65 -11.72
C GLY C 38 13.31 -19.76 -10.80
N GLY C 39 13.76 -18.60 -11.29
CA GLY C 39 14.62 -17.75 -10.49
C GLY C 39 13.88 -16.95 -9.44
N SER C 40 14.66 -16.26 -8.60
CA SER C 40 14.08 -15.51 -7.50
C SER C 40 13.49 -14.18 -7.98
N PRO C 41 12.46 -13.68 -7.31
CA PRO C 41 11.89 -12.38 -7.69
C PRO C 41 12.87 -11.22 -7.56
N TRP C 42 13.97 -11.39 -6.82
CA TRP C 42 14.98 -10.33 -6.73
C TRP C 42 15.61 -10.06 -8.09
N SER C 43 15.79 -11.10 -8.89
CA SER C 43 16.49 -11.00 -10.16
C SER C 43 15.60 -10.54 -11.31
N TRP C 44 14.29 -10.41 -11.08
CA TRP C 44 13.40 -10.00 -12.16
C TRP C 44 13.68 -8.57 -12.60
N GLN C 45 13.38 -8.30 -13.86
CA GLN C 45 13.65 -7.00 -14.46
C GLN C 45 12.37 -6.46 -15.08
N GLU C 46 12.34 -5.14 -15.29
CA GLU C 46 11.16 -4.49 -15.83
C GLU C 46 11.54 -3.14 -16.41
N PHE C 47 10.76 -2.73 -17.41
CA PHE C 47 10.92 -1.43 -18.05
C PHE C 47 9.55 -0.99 -18.56
N GLU C 48 9.48 0.23 -19.05
CA GLU C 48 8.22 0.82 -19.46
C GLU C 48 8.21 1.11 -20.95
N VAL C 49 7.03 1.03 -21.54
CA VAL C 49 6.80 1.33 -22.95
C VAL C 49 5.65 2.32 -23.03
N PRO C 50 5.77 3.40 -23.82
CA PRO C 50 4.65 4.34 -23.95
C PRO C 50 3.39 3.65 -24.45
N GLY C 51 2.24 4.09 -23.94
CA GLY C 51 0.99 3.44 -24.25
C GLY C 51 0.61 3.49 -25.71
N SER C 52 1.25 4.34 -26.49
CA SER C 52 1.00 4.40 -27.92
C SER C 52 1.72 3.29 -28.68
N LYS C 53 2.59 2.54 -28.03
CA LYS C 53 3.36 1.49 -28.67
C LYS C 53 2.83 0.12 -28.26
N SER C 54 2.86 -0.83 -29.19
CA SER C 54 2.31 -2.16 -28.97
C SER C 54 3.35 -3.27 -29.14
N THR C 55 4.63 -2.94 -29.20
CA THR C 55 5.70 -3.93 -29.35
C THR C 55 6.84 -3.56 -28.42
N ALA C 56 7.74 -4.52 -28.18
CA ALA C 56 8.87 -4.31 -27.31
C ALA C 56 9.95 -5.34 -27.63
N THR C 57 11.18 -5.02 -27.23
CA THR C 57 12.33 -5.88 -27.47
C THR C 57 12.98 -6.21 -26.14
N ILE C 58 13.16 -7.49 -25.87
CA ILE C 58 13.86 -7.97 -24.69
C ILE C 58 15.13 -8.65 -25.17
N SER C 59 16.28 -8.20 -24.67
CA SER C 59 17.58 -8.72 -25.08
C SER C 59 18.43 -9.02 -23.86
N GLY C 60 19.60 -9.59 -24.12
CA GLY C 60 20.52 -9.96 -23.06
C GLY C 60 20.10 -11.17 -22.26
N LEU C 61 19.40 -12.11 -22.89
CA LEU C 61 18.90 -13.30 -22.23
C LEU C 61 19.86 -14.48 -22.44
N LYS C 62 19.80 -15.44 -21.51
CA LYS C 62 20.61 -16.65 -21.64
C LYS C 62 19.94 -17.62 -22.61
N PRO C 63 20.71 -18.26 -23.49
CA PRO C 63 20.11 -19.22 -24.43
C PRO C 63 19.62 -20.47 -23.71
N GLY C 64 18.54 -21.04 -24.25
CA GLY C 64 18.01 -22.29 -23.73
C GLY C 64 17.49 -22.21 -22.31
N VAL C 65 16.94 -21.06 -21.92
CA VAL C 65 16.49 -20.84 -20.55
C VAL C 65 15.07 -20.28 -20.58
N ASP C 66 14.16 -20.94 -19.86
CA ASP C 66 12.77 -20.50 -19.81
C ASP C 66 12.66 -19.15 -19.13
N TYR C 67 11.96 -18.22 -19.78
CA TYR C 67 11.69 -16.89 -19.24
C TYR C 67 10.19 -16.65 -19.21
N THR C 68 9.72 -16.00 -18.15
CA THR C 68 8.33 -15.59 -18.05
C THR C 68 8.24 -14.09 -18.33
N ILE C 69 7.43 -13.72 -19.32
CA ILE C 69 7.25 -12.34 -19.74
C ILE C 69 5.82 -11.93 -19.44
N THR C 70 5.67 -10.77 -18.78
CA THR C 70 4.38 -10.29 -18.33
C THR C 70 4.21 -8.82 -18.72
N VAL C 71 3.04 -8.48 -19.25
CA VAL C 71 2.74 -7.12 -19.71
C VAL C 71 1.54 -6.59 -18.95
N TYR C 72 1.73 -5.49 -18.23
CA TYR C 72 0.65 -4.75 -17.61
C TYR C 72 0.40 -3.46 -18.38
N ALA C 73 -0.87 -3.10 -18.56
CA ALA C 73 -1.20 -1.76 -19.01
C ALA C 73 -1.42 -0.87 -17.79
N SER C 74 -1.26 0.43 -17.99
CA SER C 74 -1.39 1.38 -16.89
C SER C 74 -1.86 2.73 -17.43
N SER C 75 -2.56 3.46 -16.57
CA SER C 75 -3.00 4.81 -16.86
C SER C 75 -3.32 5.49 -15.52
N PHE C 76 -3.64 6.78 -15.59
CA PHE C 76 -3.93 7.56 -14.41
C PHE C 76 -5.42 7.78 -14.19
N ASP C 77 -6.28 7.12 -14.98
CA ASP C 77 -7.72 7.30 -14.90
C ASP C 77 -8.31 6.17 -14.06
N TRP C 78 -8.80 6.50 -12.87
CA TRP C 78 -9.39 5.50 -11.99
C TRP C 78 -10.57 4.80 -12.64
N THR C 79 -11.33 5.51 -13.48
CA THR C 79 -12.51 4.92 -14.11
C THR C 79 -12.15 3.94 -15.21
N ILE C 80 -10.89 3.90 -15.65
CA ILE C 80 -10.42 2.91 -16.60
C ILE C 80 -9.54 1.86 -15.93
N PHE C 81 -8.57 2.29 -15.13
CA PHE C 81 -7.68 1.39 -14.39
C PHE C 81 -7.79 1.73 -12.91
N PRO C 82 -8.80 1.18 -12.23
CA PRO C 82 -8.98 1.52 -10.80
C PRO C 82 -7.81 1.10 -9.93
N ASN C 83 -7.18 -0.03 -10.24
CA ASN C 83 -5.98 -0.47 -9.53
C ASN C 83 -4.70 0.02 -10.19
N TYR C 84 -4.80 1.05 -11.03
CA TYR C 84 -3.66 1.72 -11.67
C TYR C 84 -2.94 0.81 -12.66
N TYR C 85 -2.76 -0.47 -12.31
CA TYR C 85 -2.29 -1.49 -13.23
C TYR C 85 -3.46 -2.36 -13.67
N SER C 86 -3.33 -2.87 -14.89
CA SER C 86 -4.32 -3.80 -15.42
C SER C 86 -4.11 -5.18 -14.82
N SER C 87 -4.94 -6.12 -15.25
CA SER C 87 -4.56 -7.50 -14.99
C SER C 87 -3.50 -7.93 -15.98
N PRO C 88 -2.54 -8.75 -15.56
CA PRO C 88 -1.42 -9.08 -16.43
C PRO C 88 -1.78 -10.14 -17.47
N ILE C 89 -1.03 -10.11 -18.56
CA ILE C 89 -0.98 -11.20 -19.53
C ILE C 89 0.46 -11.66 -19.64
N SER C 90 0.66 -12.98 -19.60
CA SER C 90 2.00 -13.55 -19.48
C SER C 90 2.19 -14.70 -20.47
N ILE C 91 3.41 -14.81 -20.98
CA ILE C 91 3.84 -15.97 -21.74
C ILE C 91 5.06 -16.56 -21.05
N ASN C 92 5.28 -17.85 -21.28
CA ASN C 92 6.46 -18.54 -20.81
C ASN C 92 7.25 -18.96 -22.06
N TYR C 93 8.35 -18.27 -22.32
CA TYR C 93 9.12 -18.47 -23.54
C TYR C 93 10.44 -19.16 -23.22
N ARG C 94 10.80 -20.17 -24.02
CA ARG C 94 11.96 -21.02 -23.71
C ARG C 94 13.27 -20.39 -24.19
N THR C 95 13.27 -19.80 -25.39
CA THR C 95 14.48 -19.20 -25.99
C THR C 95 15.55 -20.25 -26.33
#